data_4S1P
#
_entry.id   4S1P
#
_cell.length_a   40.591
_cell.length_b   67.023
_cell.length_c   71.544
_cell.angle_alpha   90.000
_cell.angle_beta   90.000
_cell.angle_gamma   90.000
#
_symmetry.space_group_name_H-M   'P 21 21 21'
#
loop_
_entity.id
_entity.type
_entity.pdbx_description
1 polymer 'Uncharacterized protein'
2 non-polymer 'UNKNOWN LIGAND'
3 water water
#
_entity_poly.entity_id   1
_entity_poly.type   'polypeptide(L)'
_entity_poly.pdbx_seq_one_letter_code
;SNA(MSE)RIL(MSE)LGNSLTTANH(MSE)PD(MSE)LAELLTAEVRVHARGGARLAEHLNPKTRNGALTQAALANEAW
DFVV(MSE)QE(MSE)SHGPATSPTAYARSVASLSEAAKAAGAQPVIYGTWPYRAGCAKLVKLG(MSE)SHDD(MSE)SL
R(MSE)AEAFAQAAADSGALLADVAAPFRAGSADELYAADGVHPSPAGSRLAALVLAET(MSE)GKGIRPW
;
_entity_poly.pdbx_strand_id   A
#
# COMPACT_ATOMS: atom_id res chain seq x y z
N ASN A 2 -2.41 -8.29 24.86
CA ASN A 2 -3.51 -7.87 23.94
C ASN A 2 -3.30 -8.46 22.53
N ALA A 3 -4.38 -8.80 21.84
CA ALA A 3 -4.25 -9.25 20.45
C ALA A 3 -3.79 -8.07 19.58
N ARG A 5 -3.70 -5.52 16.63
CA ARG A 5 -4.75 -4.84 15.85
C ARG A 5 -4.08 -4.03 14.76
N ILE A 6 -4.59 -4.23 13.55
CA ILE A 6 -4.01 -3.63 12.33
C ILE A 6 -5.12 -2.89 11.57
N LEU A 7 -4.89 -1.63 11.25
CA LEU A 7 -5.78 -0.84 10.39
C LEU A 7 -5.14 -0.71 9.03
N LEU A 9 -5.38 0.86 5.16
CA LEU A 9 -5.95 1.87 4.31
C LEU A 9 -5.51 1.56 2.87
N GLY A 10 -6.46 1.43 1.95
CA GLY A 10 -6.09 1.05 0.58
C GLY A 10 -7.23 0.93 -0.38
N ASN A 11 -7.01 0.14 -1.41
CA ASN A 11 -8.02 -0.08 -2.43
C ASN A 11 -7.99 -1.54 -2.83
N SER A 12 -8.38 -1.91 -4.06
CA SER A 12 -8.44 -3.34 -4.38
C SER A 12 -7.08 -4.04 -4.31
N LEU A 13 -5.94 -3.31 -4.36
CA LEU A 13 -4.67 -4.03 -4.17
C LEU A 13 -4.53 -4.59 -2.75
N THR A 14 -5.25 -3.97 -1.82
CA THR A 14 -5.34 -4.49 -0.46
C THR A 14 -6.43 -5.54 -0.31
N THR A 15 -7.62 -5.29 -0.85
CA THR A 15 -8.77 -6.14 -0.55
C THR A 15 -8.85 -7.37 -1.44
N ALA A 16 -8.21 -7.34 -2.60
CA ALA A 16 -8.35 -8.47 -3.54
C ALA A 16 -7.93 -9.80 -2.90
N ASN A 17 -8.64 -10.86 -3.31
CA ASN A 17 -8.27 -12.22 -2.94
C ASN A 17 -8.23 -12.49 -1.45
N HIS A 18 -9.10 -11.78 -0.72
CA HIS A 18 -9.18 -11.92 0.73
C HIS A 18 -7.84 -11.73 1.42
N PRO A 20 -6.63 -9.26 3.31
CA PRO A 20 -6.64 -8.86 4.72
C PRO A 20 -6.94 -10.04 5.65
N ASP A 21 -7.84 -10.93 5.22
CA ASP A 21 -8.15 -12.15 5.99
C ASP A 21 -6.91 -13.05 6.11
N LEU A 23 -3.76 -12.00 5.98
CA LEU A 23 -2.84 -11.36 6.89
C LEU A 23 -3.28 -11.55 8.35
N ALA A 24 -4.58 -11.43 8.61
CA ALA A 24 -5.14 -11.62 9.93
C ALA A 24 -4.81 -13.01 10.48
N GLU A 25 -4.96 -14.02 9.61
CA GLU A 25 -4.72 -15.39 10.09
C GLU A 25 -3.23 -15.65 10.26
N LEU A 26 -2.38 -15.09 9.39
CA LEU A 26 -0.93 -15.20 9.53
C LEU A 26 -0.40 -14.62 10.84
N LEU A 27 -0.99 -13.50 11.27
CA LEU A 27 -0.49 -12.77 12.42
C LEU A 27 -1.34 -12.99 13.70
N THR A 28 -2.39 -13.80 13.61
CA THR A 28 -3.42 -13.92 14.64
C THR A 28 -3.84 -12.52 15.12
N ALA A 29 -4.16 -11.70 14.15
CA ALA A 29 -4.49 -10.31 14.37
C ALA A 29 -5.91 -9.95 13.99
N GLU A 30 -6.43 -8.89 14.65
CA GLU A 30 -7.66 -8.25 14.24
CA GLU A 30 -7.67 -8.25 14.22
C GLU A 30 -7.30 -7.23 13.16
N VAL A 31 -7.90 -7.36 11.98
CA VAL A 31 -7.60 -6.48 10.84
C VAL A 31 -8.87 -5.73 10.43
N ARG A 32 -8.76 -4.40 10.44
CA ARG A 32 -9.81 -3.51 10.01
C ARG A 32 -9.36 -2.86 8.71
N VAL A 33 -10.23 -2.82 7.71
CA VAL A 33 -9.88 -2.27 6.38
C VAL A 33 -10.77 -1.10 6.01
N HIS A 34 -10.14 0.02 5.65
CA HIS A 34 -10.81 1.18 5.09
C HIS A 34 -10.35 1.27 3.65
N ALA A 35 -11.18 0.76 2.74
CA ALA A 35 -10.80 0.66 1.35
C ALA A 35 -12.01 0.90 0.47
N ARG A 36 -11.73 1.32 -0.75
CA ARG A 36 -12.74 1.39 -1.79
C ARG A 36 -12.01 1.26 -3.10
N GLY A 37 -12.66 0.66 -4.08
CA GLY A 37 -12.05 0.63 -5.42
C GLY A 37 -11.76 2.04 -5.89
N GLY A 38 -10.53 2.22 -6.36
CA GLY A 38 -10.07 3.48 -6.92
C GLY A 38 -9.62 4.50 -5.90
N ALA A 39 -9.66 4.15 -4.62
CA ALA A 39 -9.29 5.13 -3.58
C ALA A 39 -7.81 5.51 -3.61
N ARG A 40 -7.57 6.77 -3.27
CA ARG A 40 -6.22 7.31 -3.06
C ARG A 40 -6.03 7.59 -1.58
N LEU A 41 -4.77 7.53 -1.13
CA LEU A 41 -4.48 7.70 0.31
C LEU A 41 -4.95 9.04 0.85
N ALA A 42 -4.90 10.09 0.01
CA ALA A 42 -5.27 11.42 0.47
C ALA A 42 -6.70 11.47 1.04
N GLU A 43 -7.59 10.57 0.58
CA GLU A 43 -8.97 10.55 1.09
C GLU A 43 -8.99 10.42 2.61
N HIS A 44 -8.03 9.66 3.13
CA HIS A 44 -8.01 9.40 4.57
C HIS A 44 -7.66 10.61 5.43
N LEU A 45 -7.15 11.66 4.80
CA LEU A 45 -6.80 12.89 5.46
C LEU A 45 -7.94 13.90 5.42
N ASN A 46 -9.03 13.52 4.75
CA ASN A 46 -10.13 14.44 4.48
C ASN A 46 -11.40 13.89 5.12
N PRO A 47 -11.77 14.39 6.31
CA PRO A 47 -12.93 13.83 7.02
C PRO A 47 -14.27 13.99 6.32
N LYS A 48 -14.28 14.74 5.23
CA LYS A 48 -15.50 14.85 4.40
C LYS A 48 -15.75 13.58 3.57
N THR A 49 -14.71 12.75 3.39
CA THR A 49 -14.88 11.50 2.69
C THR A 49 -15.22 10.41 3.68
N ARG A 50 -15.82 9.33 3.19
CA ARG A 50 -16.16 8.22 4.05
C ARG A 50 -14.86 7.61 4.66
N ASN A 51 -13.84 7.42 3.84
CA ASN A 51 -12.59 6.88 4.36
C ASN A 51 -11.97 7.82 5.38
N GLY A 52 -11.97 9.12 5.12
CA GLY A 52 -11.41 10.05 6.05
C GLY A 52 -12.13 10.05 7.37
N ALA A 53 -13.47 10.00 7.34
CA ALA A 53 -14.22 9.96 8.57
C ALA A 53 -13.94 8.65 9.32
N LEU A 54 -13.94 7.53 8.61
CA LEU A 54 -13.65 6.25 9.21
C LEU A 54 -12.27 6.24 9.86
N THR A 55 -11.28 6.69 9.13
CA THR A 55 -9.90 6.68 9.65
C THR A 55 -9.74 7.66 10.82
N GLN A 56 -10.30 8.86 10.72
CA GLN A 56 -10.27 9.77 11.86
C GLN A 56 -10.90 9.11 13.09
N ALA A 57 -12.09 8.52 12.94
CA ALA A 57 -12.76 7.88 14.09
C ALA A 57 -11.93 6.73 14.63
N ALA A 58 -11.28 5.94 13.73
CA ALA A 58 -10.61 4.76 14.22
C ALA A 58 -9.42 5.20 15.06
N LEU A 59 -8.71 6.24 14.62
CA LEU A 59 -7.53 6.69 15.37
C LEU A 59 -7.91 7.40 16.66
N ALA A 60 -9.10 8.00 16.70
CA ALA A 60 -9.58 8.65 17.91
C ALA A 60 -10.19 7.68 18.93
N ASN A 61 -10.75 6.57 18.46
CA ASN A 61 -11.61 5.75 19.27
C ASN A 61 -11.11 4.34 19.60
N GLU A 62 -10.20 3.85 18.79
CA GLU A 62 -9.72 2.48 18.92
C GLU A 62 -8.20 2.44 19.04
N ALA A 63 -7.69 1.31 19.49
CA ALA A 63 -6.26 1.13 19.69
C ALA A 63 -5.68 0.27 18.60
N TRP A 64 -4.57 0.71 18.02
CA TRP A 64 -3.93 0.01 16.89
C TRP A 64 -2.45 -0.21 17.15
N ASP A 65 -1.97 -1.39 16.72
CA ASP A 65 -0.53 -1.65 16.69
C ASP A 65 0.14 -1.11 15.45
N PHE A 66 -0.54 -1.24 14.32
CA PHE A 66 -0.02 -0.83 13.04
C PHE A 66 -1.09 -0.19 12.21
N VAL A 67 -0.68 0.76 11.37
CA VAL A 67 -1.53 1.35 10.34
C VAL A 67 -0.83 1.14 9.01
N VAL A 68 -1.46 0.33 8.13
CA VAL A 68 -0.85 0.00 6.82
C VAL A 68 -1.43 0.94 5.77
N GLN A 70 -1.64 1.95 1.74
CA GLN A 70 -1.46 1.55 0.34
C GLN A 70 -2.06 2.59 -0.59
N GLU A 71 -1.21 3.15 -1.47
CA GLU A 71 -1.61 4.15 -2.41
C GLU A 71 -2.15 3.52 -3.70
N SER A 73 -2.39 2.50 -7.34
CA SER A 73 -1.29 1.68 -7.82
C SER A 73 -0.23 2.36 -8.66
N HIS A 74 -0.54 3.48 -9.33
CA HIS A 74 0.51 4.25 -10.01
C HIS A 74 0.82 5.58 -9.36
N GLY A 75 0.05 5.90 -8.31
CA GLY A 75 0.22 7.21 -7.64
C GLY A 75 1.62 7.59 -7.25
N PRO A 76 2.37 6.69 -6.61
CA PRO A 76 3.72 7.08 -6.23
C PRO A 76 4.60 7.48 -7.40
N ALA A 77 4.31 6.93 -8.58
CA ALA A 77 5.02 7.30 -9.80
C ALA A 77 4.49 8.56 -10.48
N THR A 78 3.16 8.68 -10.58
CA THR A 78 2.56 9.77 -11.36
C THR A 78 2.22 11.06 -10.56
N SER A 79 1.97 10.90 -9.25
CA SER A 79 1.74 12.01 -8.33
CA SER A 79 1.74 12.02 -8.33
C SER A 79 2.60 11.81 -7.09
N PRO A 80 3.94 11.83 -7.27
CA PRO A 80 4.85 11.50 -6.17
C PRO A 80 4.75 12.44 -5.00
N THR A 81 4.46 13.73 -5.27
CA THR A 81 4.38 14.66 -4.17
C THR A 81 3.11 14.46 -3.34
N ALA A 82 1.99 14.23 -4.02
CA ALA A 82 0.77 13.88 -3.32
C ALA A 82 0.93 12.64 -2.48
N TYR A 83 1.61 11.65 -3.05
CA TYR A 83 1.88 10.43 -2.29
C TYR A 83 2.68 10.70 -1.04
N ALA A 84 3.80 11.40 -1.21
CA ALA A 84 4.69 11.69 -0.12
C ALA A 84 3.97 12.45 1.00
N ARG A 85 3.16 13.43 0.64
N ARG A 85 3.16 13.44 0.61
CA ARG A 85 2.47 14.20 1.65
CA ARG A 85 2.39 14.23 1.56
C ARG A 85 1.41 13.38 2.36
C ARG A 85 1.40 13.40 2.34
N SER A 86 0.75 12.48 1.63
CA SER A 86 -0.26 11.65 2.25
C SER A 86 0.38 10.71 3.26
N VAL A 87 1.45 10.05 2.86
CA VAL A 87 2.15 9.14 3.80
C VAL A 87 2.70 9.88 4.99
N ALA A 88 3.25 11.08 4.75
CA ALA A 88 3.80 11.83 5.86
C ALA A 88 2.73 12.14 6.91
N SER A 89 1.57 12.61 6.43
CA SER A 89 0.55 13.03 7.37
CA SER A 89 0.52 13.03 7.36
C SER A 89 -0.12 11.85 8.05
N LEU A 90 -0.38 10.79 7.28
CA LEU A 90 -0.97 9.60 7.89
C LEU A 90 -0.02 8.92 8.84
N SER A 91 1.27 8.94 8.52
CA SER A 91 2.27 8.40 9.43
C SER A 91 2.31 9.15 10.75
N GLU A 92 2.33 10.49 10.68
CA GLU A 92 2.29 11.31 11.89
CA GLU A 92 2.29 11.33 11.87
C GLU A 92 1.04 11.05 12.70
N ALA A 93 -0.11 10.91 12.03
CA ALA A 93 -1.36 10.59 12.76
C ALA A 93 -1.28 9.23 13.43
N ALA A 94 -0.71 8.25 12.75
CA ALA A 94 -0.59 6.91 13.31
C ALA A 94 0.32 6.95 14.56
N LYS A 95 1.47 7.61 14.41
CA LYS A 95 2.42 7.69 15.53
C LYS A 95 1.82 8.42 16.71
N ALA A 96 1.07 9.50 16.45
CA ALA A 96 0.42 10.26 17.51
C ALA A 96 -0.59 9.44 18.26
N ALA A 97 -1.21 8.48 17.56
CA ALA A 97 -2.11 7.51 18.18
C ALA A 97 -1.43 6.28 18.81
N GLY A 98 -0.09 6.22 18.77
CA GLY A 98 0.65 5.11 19.33
C GLY A 98 0.77 3.87 18.46
N ALA A 99 0.51 4.04 17.16
CA ALA A 99 0.59 2.95 16.21
C ALA A 99 1.85 3.14 15.36
N GLN A 100 2.38 2.03 14.86
CA GLN A 100 3.49 2.05 13.93
C GLN A 100 2.98 2.09 12.46
N PRO A 101 3.32 3.14 11.70
CA PRO A 101 2.92 3.15 10.30
C PRO A 101 3.74 2.17 9.47
N VAL A 102 3.06 1.59 8.47
CA VAL A 102 3.64 0.60 7.57
C VAL A 102 3.26 0.97 6.15
N ILE A 103 4.24 1.06 5.25
CA ILE A 103 3.97 1.27 3.87
C ILE A 103 3.78 -0.08 3.19
N TYR A 104 2.64 -0.28 2.53
CA TYR A 104 2.42 -1.46 1.67
C TYR A 104 3.02 -1.03 0.32
N GLY A 105 4.28 -1.38 0.11
CA GLY A 105 4.96 -1.01 -1.14
C GLY A 105 4.43 -1.94 -2.22
N THR A 106 3.89 -1.41 -3.27
CA THR A 106 3.40 -2.19 -4.38
C THR A 106 4.40 -2.17 -5.55
N TRP A 107 3.95 -2.75 -6.65
CA TRP A 107 4.81 -3.17 -7.74
C TRP A 107 4.58 -2.30 -8.97
N PRO A 108 5.60 -2.20 -9.85
CA PRO A 108 5.32 -1.64 -11.17
C PRO A 108 4.34 -2.56 -11.90
N TYR A 109 3.62 -2.01 -12.85
CA TYR A 109 2.75 -2.82 -13.67
C TYR A 109 3.58 -3.76 -14.56
N ARG A 110 2.95 -4.85 -14.98
CA ARG A 110 3.65 -5.80 -15.83
CA ARG A 110 3.62 -5.84 -15.85
C ARG A 110 4.06 -5.18 -17.16
N ALA A 111 5.33 -5.40 -17.54
CA ALA A 111 5.83 -4.82 -18.78
C ALA A 111 4.93 -5.24 -19.96
N GLY A 112 4.60 -4.25 -20.77
CA GLY A 112 3.77 -4.49 -21.94
C GLY A 112 2.28 -4.42 -21.73
N CYS A 113 1.79 -4.30 -20.50
CA CYS A 113 0.34 -4.36 -20.28
C CYS A 113 -0.32 -3.07 -20.72
N ALA A 114 -1.60 -3.14 -21.06
CA ALA A 114 -2.33 -1.99 -21.55
C ALA A 114 -2.36 -0.80 -20.63
N LYS A 115 -2.47 -1.06 -19.32
CA LYS A 115 -2.56 0.05 -18.40
CA LYS A 115 -2.55 0.05 -18.38
C LYS A 115 -1.23 0.81 -18.33
N LEU A 116 -0.13 0.10 -18.54
CA LEU A 116 1.15 0.76 -18.55
C LEU A 116 1.33 1.52 -19.88
N VAL A 117 0.92 0.92 -21.00
CA VAL A 117 0.96 1.61 -22.27
C VAL A 117 0.23 2.95 -22.19
N LYS A 118 -0.97 2.92 -21.60
CA LYS A 118 -1.80 4.12 -21.48
CA LYS A 118 -1.82 4.12 -21.46
C LYS A 118 -1.13 5.23 -20.67
N LEU A 119 -0.33 4.86 -19.69
CA LEU A 119 0.38 5.84 -18.85
C LEU A 119 1.52 6.55 -19.57
N GLY A 120 2.01 5.99 -20.68
CA GLY A 120 3.11 6.63 -21.40
C GLY A 120 4.38 6.66 -20.58
N SER A 122 7.71 4.04 -19.41
CA SER A 122 8.36 2.75 -19.58
C SER A 122 8.30 1.91 -18.32
N HIS A 123 8.44 0.59 -18.48
CA HIS A 123 8.46 -0.29 -17.34
C HIS A 123 9.63 0.05 -16.39
N ASP A 124 10.80 0.33 -16.96
CA ASP A 124 11.96 0.73 -16.13
CA ASP A 124 11.96 0.72 -16.16
C ASP A 124 11.69 2.02 -15.38
N ASP A 125 11.06 3.00 -16.05
CA ASP A 125 10.81 4.30 -15.43
C ASP A 125 9.82 4.11 -14.28
N SER A 127 9.26 1.36 -12.57
CA SER A 127 9.96 0.56 -11.57
C SER A 127 10.78 1.46 -10.65
N LEU A 128 11.54 2.37 -11.24
CA LEU A 128 12.46 3.21 -10.49
CA LEU A 128 12.46 3.20 -10.46
C LEU A 128 11.70 4.27 -9.73
N ARG A 129 10.71 4.86 -10.37
CA ARG A 129 9.91 5.88 -9.69
CA ARG A 129 9.91 5.90 -9.70
C ARG A 129 9.18 5.34 -8.47
N ALA A 131 10.04 2.62 -6.70
CA ALA A 131 11.02 2.23 -5.68
C ALA A 131 11.53 3.46 -4.96
N GLU A 132 11.83 4.52 -5.70
CA GLU A 132 12.32 5.76 -5.08
CA GLU A 132 12.36 5.71 -5.04
C GLU A 132 11.29 6.39 -4.14
N ALA A 133 10.04 6.40 -4.60
CA ALA A 133 8.94 6.96 -3.77
C ALA A 133 8.79 6.23 -2.46
N PHE A 134 8.80 4.88 -2.48
CA PHE A 134 8.64 4.16 -1.25
C PHE A 134 9.84 4.31 -0.33
N ALA A 135 11.03 4.30 -0.89
CA ALA A 135 12.24 4.43 -0.07
C ALA A 135 12.27 5.78 0.63
N GLN A 136 11.95 6.84 -0.12
CA GLN A 136 11.98 8.18 0.44
C GLN A 136 10.87 8.35 1.49
N ALA A 137 9.69 7.76 1.25
CA ALA A 137 8.59 7.92 2.19
C ALA A 137 8.86 7.14 3.49
N ALA A 138 9.52 6.00 3.36
CA ALA A 138 9.87 5.20 4.54
C ALA A 138 10.86 5.99 5.37
N ALA A 139 11.87 6.57 4.71
CA ALA A 139 12.92 7.29 5.44
C ALA A 139 12.38 8.56 6.12
N ASP A 140 11.56 9.32 5.39
CA ASP A 140 11.05 10.57 5.89
C ASP A 140 10.08 10.42 7.04
N SER A 141 9.27 9.36 6.99
N SER A 141 9.25 9.38 6.97
CA SER A 141 8.15 9.15 7.91
CA SER A 141 8.14 9.22 7.90
C SER A 141 8.49 8.25 9.09
C SER A 141 8.44 8.21 9.03
N GLY A 142 9.52 7.44 8.93
CA GLY A 142 9.80 6.38 9.88
C GLY A 142 8.88 5.21 9.77
N ALA A 143 8.17 5.08 8.66
CA ALA A 143 7.29 3.93 8.46
C ALA A 143 8.11 2.71 8.07
N LEU A 144 7.65 1.54 8.50
CA LEU A 144 8.24 0.33 8.06
C LEU A 144 7.80 0.07 6.61
N LEU A 145 8.70 -0.41 5.77
CA LEU A 145 8.37 -0.70 4.37
C LEU A 145 8.17 -2.17 4.17
N ALA A 146 6.97 -2.54 3.75
CA ALA A 146 6.71 -3.90 3.25
C ALA A 146 6.91 -3.84 1.73
N ASP A 147 8.10 -4.27 1.27
CA ASP A 147 8.50 -4.10 -0.11
C ASP A 147 8.01 -5.29 -0.90
N VAL A 148 6.81 -5.18 -1.45
CA VAL A 148 6.28 -6.29 -2.22
C VAL A 148 6.85 -6.30 -3.65
N ALA A 149 7.31 -5.15 -4.14
CA ALA A 149 7.90 -5.11 -5.47
C ALA A 149 9.09 -6.04 -5.59
N ALA A 150 9.92 -6.11 -4.56
CA ALA A 150 11.14 -6.94 -4.65
C ALA A 150 10.83 -8.41 -4.99
N PRO A 151 9.95 -9.07 -4.20
CA PRO A 151 9.67 -10.46 -4.58
C PRO A 151 8.83 -10.59 -5.84
N PHE A 152 8.07 -9.57 -6.21
CA PHE A 152 7.44 -9.57 -7.54
C PHE A 152 8.50 -9.66 -8.64
N ARG A 153 9.57 -8.87 -8.51
CA ARG A 153 10.64 -8.85 -9.50
C ARG A 153 11.37 -10.20 -9.51
N ALA A 154 11.63 -10.75 -8.32
CA ALA A 154 12.33 -12.03 -8.18
C ALA A 154 11.50 -13.19 -8.67
N GLY A 155 10.17 -13.01 -8.68
CA GLY A 155 9.24 -14.11 -8.97
C GLY A 155 8.78 -14.16 -10.41
N SER A 156 7.77 -14.98 -10.65
CA SER A 156 7.18 -15.19 -11.97
C SER A 156 6.02 -14.23 -12.25
N ALA A 157 6.16 -13.34 -13.24
CA ALA A 157 5.06 -12.45 -13.60
C ALA A 157 3.75 -13.17 -13.97
N ASP A 158 3.84 -14.30 -14.69
CA ASP A 158 2.62 -15.06 -15.03
C ASP A 158 1.90 -15.56 -13.76
N GLU A 159 2.67 -15.87 -12.71
CA GLU A 159 2.11 -16.38 -11.47
CA GLU A 159 2.07 -16.39 -11.49
C GLU A 159 1.49 -15.25 -10.65
N LEU A 160 2.19 -14.09 -10.61
CA LEU A 160 1.87 -13.08 -9.61
C LEU A 160 0.87 -11.98 -9.99
N TYR A 161 0.78 -11.69 -11.29
CA TYR A 161 -0.14 -10.70 -11.78
C TYR A 161 -1.46 -11.31 -12.24
N ALA A 162 -2.53 -10.54 -12.05
CA ALA A 162 -3.82 -10.77 -12.72
C ALA A 162 -3.65 -10.47 -14.22
N ALA A 163 -4.65 -10.86 -14.99
CA ALA A 163 -4.65 -10.64 -16.42
C ALA A 163 -4.34 -9.23 -16.86
N ASP A 164 -4.78 -8.25 -16.09
CA ASP A 164 -4.58 -6.86 -16.45
C ASP A 164 -3.15 -6.32 -16.21
N GLY A 165 -2.29 -7.10 -15.57
CA GLY A 165 -0.91 -6.65 -15.29
C GLY A 165 -0.80 -5.58 -14.19
N VAL A 166 -1.90 -5.36 -13.47
CA VAL A 166 -1.95 -4.33 -12.41
C VAL A 166 -2.34 -4.94 -11.08
N HIS A 167 -3.46 -5.62 -11.06
CA HIS A 167 -3.95 -6.25 -9.85
C HIS A 167 -3.19 -7.53 -9.60
N PRO A 168 -3.12 -7.95 -8.33
CA PRO A 168 -2.44 -9.20 -7.99
C PRO A 168 -3.35 -10.40 -8.29
N SER A 169 -2.72 -11.50 -8.71
CA SER A 169 -3.39 -12.80 -8.73
C SER A 169 -3.55 -13.27 -7.28
N PRO A 170 -4.28 -14.37 -7.07
CA PRO A 170 -4.30 -14.90 -5.74
C PRO A 170 -2.89 -15.19 -5.18
N ALA A 171 -1.97 -15.73 -6.02
CA ALA A 171 -0.58 -15.95 -5.59
C ALA A 171 0.11 -14.61 -5.25
N GLY A 172 -0.13 -13.57 -6.05
CA GLY A 172 0.41 -12.24 -5.76
C GLY A 172 -0.11 -11.67 -4.45
N SER A 173 -1.40 -11.87 -4.18
CA SER A 173 -1.95 -11.43 -2.90
C SER A 173 -1.38 -12.18 -1.71
N ARG A 174 -1.17 -13.49 -1.88
CA ARG A 174 -0.57 -14.27 -0.83
C ARG A 174 0.85 -13.78 -0.53
N LEU A 175 1.59 -13.45 -1.58
CA LEU A 175 2.89 -12.92 -1.43
C LEU A 175 2.85 -11.58 -0.68
N ALA A 176 1.93 -10.71 -1.05
CA ALA A 176 1.80 -9.44 -0.31
C ALA A 176 1.51 -9.67 1.17
N ALA A 177 0.60 -10.59 1.47
CA ALA A 177 0.29 -10.92 2.87
C ALA A 177 1.52 -11.41 3.59
N LEU A 178 2.30 -12.28 2.95
CA LEU A 178 3.51 -12.83 3.61
C LEU A 178 4.55 -11.73 3.86
N VAL A 179 4.70 -10.83 2.91
CA VAL A 179 5.63 -9.72 3.10
C VAL A 179 5.17 -8.78 4.23
N LEU A 180 3.89 -8.45 4.22
CA LEU A 180 3.33 -7.60 5.27
C LEU A 180 3.47 -8.29 6.64
N ALA A 181 3.18 -9.59 6.70
CA ALA A 181 3.30 -10.32 7.95
C ALA A 181 4.75 -10.32 8.47
N GLU A 182 5.71 -10.48 7.58
CA GLU A 182 7.12 -10.43 7.95
CA GLU A 182 7.11 -10.45 7.96
C GLU A 182 7.50 -9.08 8.51
N THR A 183 6.99 -8.04 7.86
CA THR A 183 7.26 -6.68 8.27
C THR A 183 6.72 -6.38 9.70
N GLY A 185 5.76 -8.77 12.01
CA GLY A 185 5.92 -9.90 12.92
C GLY A 185 7.16 -9.71 13.74
#